data_6QED
#
_entry.id   6QED
#
_cell.length_a   89.300
_cell.length_b   99.670
_cell.length_c   101.080
_cell.angle_alpha   90.00
_cell.angle_beta   90.00
_cell.angle_gamma   90.00
#
_symmetry.space_group_name_H-M   'C 2 2 21'
#
loop_
_entity.id
_entity.type
_entity.pdbx_description
1 polymer 'Methionine aminopeptidase 2'
2 non-polymer 1,2-ETHANEDIOL
3 non-polymer 'DIMETHYL SULFOXIDE'
4 non-polymer GLYCEROL
5 non-polymer (3~{S})-~{N}-[(3-chloranyl-5-fluoranyl-phenyl)methyl]-3-oxidanyl-2-oxidanylidene-1-(2-oxidanylidene-3,4-dihydro-1~{H}-quinolin-6-yl)pyrrolidine-3-carboxamide
6 non-polymer 'MANGANESE (II) ION'
7 water water
#
_entity_poly.entity_id   1
_entity_poly.type   'polypeptide(L)'
_entity_poly.pdbx_seq_one_letter_code
;MGPKVQTDPPSVPICDLYPNGVFPKGQECEYPPTQDGRTAAWRTTSEEKKALDQASEEIWNDFREAAEAHRQVRKYVMSW
IKPGMTMIEICEKLEDCSRKLIKENGLNAGLAFPTGCSLNNCAAHYTPNAGDTTVLQYDDICKIDFGTHISGRIIDCAFT
VTFNPKYDTLLKAVKDATNTGIKCAGIDVRLCDVGEAIQEVMESYEVEIDGKTYQVKPIRNLNGHSIGQYRIHAGKTVPI
VKGGEATRMEEGEVYAIETFGSTGKGVVHDDMECSHYMKNFDVGHVPIRLPRTKHLLNVINENFGTLAFCRRWLDRLGES
KYLMALKNLCDLGIVDPYPPLCDIKGSYTAQFEHTILLRPTCKEVVSRGDDYHHHHHH
;
_entity_poly.pdbx_strand_id   A
#
# COMPACT_ATOMS: atom_id res chain seq x y z
N VAL A 5 8.88 -26.20 -5.21
CA VAL A 5 8.60 -25.85 -3.81
C VAL A 5 9.40 -24.58 -3.41
N GLN A 6 8.79 -23.70 -2.61
CA GLN A 6 9.46 -22.47 -2.15
C GLN A 6 10.50 -22.80 -1.07
N THR A 7 11.68 -22.14 -1.12
CA THR A 7 12.74 -22.37 -0.14
C THR A 7 12.47 -21.60 1.16
N ASP A 8 13.23 -21.92 2.23
CA ASP A 8 13.22 -21.25 3.52
C ASP A 8 14.67 -20.80 3.79
N PRO A 9 15.03 -19.50 3.66
CA PRO A 9 14.18 -18.32 3.35
C PRO A 9 13.72 -18.27 1.88
N PRO A 10 12.56 -17.63 1.55
CA PRO A 10 12.08 -17.61 0.15
C PRO A 10 13.05 -16.97 -0.84
N SER A 11 13.33 -17.67 -1.95
CA SER A 11 14.22 -17.15 -2.99
C SER A 11 13.72 -17.50 -4.39
N VAL A 12 12.80 -18.47 -4.51
CA VAL A 12 12.27 -18.92 -5.82
C VAL A 12 11.19 -17.96 -6.35
N PRO A 13 11.35 -17.39 -7.56
CA PRO A 13 10.31 -16.49 -8.10
C PRO A 13 8.95 -17.14 -8.16
N ILE A 14 7.88 -16.37 -7.88
CA ILE A 14 6.49 -16.86 -7.95
C ILE A 14 6.23 -17.50 -9.35
N CYS A 15 6.79 -16.89 -10.42
CA CYS A 15 6.69 -17.41 -11.80
C CYS A 15 7.13 -18.87 -11.92
N ASP A 16 8.23 -19.26 -11.22
CA ASP A 16 8.78 -20.63 -11.23
C ASP A 16 7.97 -21.63 -10.42
N LEU A 17 7.15 -21.15 -9.47
CA LEU A 17 6.32 -21.98 -8.60
C LEU A 17 5.01 -22.36 -9.28
N TYR A 18 4.63 -21.62 -10.33
CA TYR A 18 3.42 -21.90 -11.08
C TYR A 18 3.81 -22.11 -12.56
N PRO A 19 4.34 -23.31 -12.91
CA PRO A 19 4.80 -23.57 -14.30
C PRO A 19 3.78 -23.29 -15.42
N ASN A 20 2.47 -23.44 -15.13
CA ASN A 20 1.38 -23.23 -16.09
C ASN A 20 1.06 -21.75 -16.34
N GLY A 21 1.64 -20.86 -15.54
CA GLY A 21 1.45 -19.42 -15.66
C GLY A 21 0.11 -18.91 -15.15
N VAL A 22 -0.57 -19.72 -14.33
CA VAL A 22 -1.87 -19.43 -13.74
C VAL A 22 -1.66 -19.24 -12.23
N PHE A 23 -1.82 -17.99 -11.76
CA PHE A 23 -1.56 -17.62 -10.38
C PHE A 23 -2.80 -17.71 -9.50
N PRO A 24 -2.65 -18.03 -8.19
CA PRO A 24 -3.83 -18.24 -7.35
C PRO A 24 -4.73 -17.03 -7.14
N LYS A 25 -6.06 -17.26 -7.19
CA LYS A 25 -7.03 -16.20 -6.91
C LYS A 25 -7.00 -15.83 -5.41
N GLY A 26 -7.32 -14.58 -5.10
CA GLY A 26 -7.47 -14.11 -3.73
C GLY A 26 -8.84 -14.52 -3.24
N GLN A 27 -9.28 -14.02 -2.08
CA GLN A 27 -10.61 -14.32 -1.56
C GLN A 27 -11.67 -13.72 -2.50
N GLU A 28 -12.67 -14.53 -2.90
CA GLU A 28 -13.76 -14.02 -3.76
C GLU A 28 -15.04 -13.85 -2.96
N CYS A 29 -15.65 -12.67 -3.05
CA CYS A 29 -16.87 -12.31 -2.35
C CYS A 29 -17.96 -11.90 -3.30
N GLU A 30 -19.20 -12.15 -2.88
CA GLU A 30 -20.35 -11.67 -3.63
C GLU A 30 -20.48 -10.19 -3.24
N TYR A 31 -20.97 -9.34 -4.14
CA TYR A 31 -21.09 -7.91 -3.83
C TYR A 31 -22.19 -7.67 -2.77
N PRO A 32 -22.08 -6.60 -1.94
CA PRO A 32 -23.13 -6.36 -0.93
C PRO A 32 -24.51 -6.09 -1.55
N PRO A 33 -25.63 -6.43 -0.86
CA PRO A 33 -26.95 -6.16 -1.44
C PRO A 33 -27.22 -4.65 -1.56
N THR A 34 -28.28 -4.28 -2.30
CA THR A 34 -28.66 -2.87 -2.48
C THR A 34 -29.35 -2.35 -1.19
N GLN A 35 -29.57 -1.02 -1.10
CA GLN A 35 -30.26 -0.37 0.02
C GLN A 35 -31.70 -0.89 0.12
N ASP A 36 -32.29 -1.23 -1.04
CA ASP A 36 -33.63 -1.81 -1.15
C ASP A 36 -33.59 -3.29 -0.71
N GLY A 37 -32.44 -3.95 -0.93
CA GLY A 37 -32.21 -5.33 -0.51
C GLY A 37 -32.02 -6.38 -1.57
N ARG A 38 -31.98 -6.02 -2.87
CA ARG A 38 -31.79 -7.03 -3.92
C ARG A 38 -30.31 -7.44 -4.03
N THR A 39 -30.06 -8.75 -4.00
CA THR A 39 -28.73 -9.37 -4.03
C THR A 39 -27.99 -9.13 -5.36
N ALA A 40 -26.66 -9.26 -5.31
CA ALA A 40 -25.78 -9.10 -6.46
C ALA A 40 -25.26 -10.46 -7.01
N ALA A 41 -25.79 -11.59 -6.44
CA ALA A 41 -25.46 -12.98 -6.81
C ALA A 41 -25.53 -13.22 -8.33
N TRP A 42 -26.50 -12.59 -9.03
CA TRP A 42 -26.69 -12.68 -10.49
C TRP A 42 -25.39 -12.47 -11.31
N ARG A 43 -24.46 -11.70 -10.77
CA ARG A 43 -23.21 -11.40 -11.48
C ARG A 43 -22.36 -12.64 -11.73
N THR A 44 -22.34 -13.56 -10.78
CA THR A 44 -21.53 -14.76 -10.89
C THR A 44 -21.87 -15.66 -12.07
N THR A 45 -23.15 -15.84 -12.35
CA THR A 45 -23.58 -16.71 -13.43
C THR A 45 -23.94 -16.03 -14.76
N SER A 46 -23.91 -14.70 -14.79
CA SER A 46 -24.24 -13.93 -15.99
C SER A 46 -23.19 -14.20 -17.09
N GLU A 47 -23.65 -14.56 -18.30
CA GLU A 47 -22.77 -14.85 -19.43
C GLU A 47 -22.04 -13.61 -19.92
N GLU A 48 -22.72 -12.43 -19.83
CA GLU A 48 -22.17 -11.12 -20.20
C GLU A 48 -21.07 -10.74 -19.21
N LYS A 49 -21.33 -10.90 -17.89
CA LYS A 49 -20.36 -10.60 -16.84
C LYS A 49 -19.15 -11.53 -16.92
N LYS A 50 -19.37 -12.81 -17.27
CA LYS A 50 -18.30 -13.79 -17.44
C LYS A 50 -17.40 -13.43 -18.63
N ALA A 51 -17.99 -13.08 -19.78
CA ALA A 51 -17.19 -12.74 -20.94
C ALA A 51 -16.33 -11.53 -20.64
N LEU A 52 -16.92 -10.55 -19.99
CA LEU A 52 -16.24 -9.33 -19.64
C LEU A 52 -15.09 -9.62 -18.68
N ASP A 53 -15.33 -10.47 -17.70
CA ASP A 53 -14.31 -10.85 -16.73
C ASP A 53 -13.18 -11.58 -17.43
N GLN A 54 -13.56 -12.46 -18.35
CA GLN A 54 -12.62 -13.24 -19.14
C GLN A 54 -11.75 -12.34 -20.03
N ALA A 55 -12.33 -11.23 -20.53
CA ALA A 55 -11.66 -10.23 -21.37
C ALA A 55 -10.49 -9.57 -20.66
N SER A 56 -10.54 -9.48 -19.31
CA SER A 56 -9.52 -8.89 -18.47
C SER A 56 -8.69 -9.93 -17.69
N GLU A 57 -8.78 -11.23 -18.07
CA GLU A 57 -8.11 -12.36 -17.39
C GLU A 57 -6.60 -12.19 -17.22
N GLU A 58 -5.90 -11.73 -18.26
CA GLU A 58 -4.45 -11.52 -18.18
C GLU A 58 -4.12 -10.46 -17.13
N ILE A 59 -4.99 -9.43 -16.97
CA ILE A 59 -4.84 -8.34 -15.98
C ILE A 59 -5.00 -8.93 -14.57
N TRP A 60 -6.08 -9.70 -14.31
CA TRP A 60 -6.28 -10.30 -12.98
C TRP A 60 -5.14 -11.26 -12.66
N ASN A 61 -4.64 -12.01 -13.69
CA ASN A 61 -3.53 -12.96 -13.53
C ASN A 61 -2.24 -12.26 -13.07
N ASP A 62 -1.98 -11.05 -13.59
CA ASP A 62 -0.82 -10.23 -13.18
C ASP A 62 -0.95 -9.75 -11.74
N PHE A 63 -2.13 -9.26 -11.34
CA PHE A 63 -2.37 -8.84 -9.96
C PHE A 63 -2.19 -10.01 -9.01
N ARG A 64 -2.64 -11.23 -9.42
CA ARG A 64 -2.55 -12.43 -8.59
C ARG A 64 -1.10 -12.88 -8.40
N GLU A 65 -0.27 -12.77 -9.45
CA GLU A 65 1.15 -13.11 -9.35
C GLU A 65 1.81 -12.14 -8.36
N ALA A 66 1.52 -10.83 -8.51
CA ALA A 66 2.06 -9.80 -7.58
C ALA A 66 1.55 -10.05 -6.13
N ALA A 67 0.28 -10.48 -5.98
CA ALA A 67 -0.31 -10.75 -4.65
C ALA A 67 0.33 -11.97 -3.99
N GLU A 68 0.66 -13.02 -4.77
CA GLU A 68 1.30 -14.22 -4.20
C GLU A 68 2.72 -13.89 -3.72
N ALA A 69 3.43 -13.05 -4.46
CA ALA A 69 4.77 -12.56 -4.06
C ALA A 69 4.58 -11.76 -2.76
N HIS A 70 3.54 -10.89 -2.69
CA HIS A 70 3.33 -10.06 -1.48
C HIS A 70 3.05 -10.92 -0.25
N ARG A 71 2.18 -11.95 -0.39
CA ARG A 71 1.88 -12.84 0.73
C ARG A 71 3.12 -13.57 1.21
N GLN A 72 3.94 -14.12 0.29
CA GLN A 72 5.13 -14.87 0.72
C GLN A 72 6.17 -13.93 1.38
N VAL A 73 6.29 -12.68 0.88
CA VAL A 73 7.22 -11.73 1.51
C VAL A 73 6.71 -11.40 2.92
N ARG A 74 5.41 -11.10 3.06
CA ARG A 74 5.00 -10.68 4.40
C ARG A 74 5.03 -11.83 5.44
N LYS A 75 4.81 -13.08 5.04
CA LYS A 75 4.92 -14.21 5.98
C LYS A 75 6.41 -14.34 6.42
N TYR A 76 7.34 -14.12 5.48
CA TYR A 76 8.77 -14.15 5.76
C TYR A 76 9.12 -13.00 6.72
N VAL A 77 8.66 -11.78 6.42
CA VAL A 77 8.89 -10.63 7.32
C VAL A 77 8.42 -10.90 8.78
N MET A 78 7.21 -11.43 8.95
N MET A 78 7.19 -11.44 8.94
CA MET A 78 6.66 -11.73 10.28
CA MET A 78 6.56 -11.76 10.24
C MET A 78 7.52 -12.66 11.08
C MET A 78 7.38 -12.77 11.07
N SER A 79 8.19 -13.59 10.40
CA SER A 79 9.04 -14.60 11.04
C SER A 79 10.36 -14.07 11.65
N TRP A 80 10.86 -12.89 11.19
CA TRP A 80 12.16 -12.40 11.67
C TRP A 80 12.15 -10.95 12.18
N ILE A 81 11.13 -10.16 11.82
CA ILE A 81 11.14 -8.75 12.27
C ILE A 81 11.18 -8.69 13.79
N LYS A 82 12.23 -8.03 14.35
CA LYS A 82 12.42 -8.00 15.79
C LYS A 82 12.99 -6.67 16.23
N PRO A 83 12.71 -6.22 17.47
CA PRO A 83 13.39 -5.01 17.95
C PRO A 83 14.90 -5.28 17.98
N GLY A 84 15.71 -4.24 17.81
CA GLY A 84 17.16 -4.36 17.75
C GLY A 84 17.67 -4.23 16.33
N MET A 85 16.80 -4.54 15.36
CA MET A 85 17.21 -4.42 13.96
C MET A 85 17.12 -2.94 13.54
N THR A 86 18.05 -2.47 12.68
CA THR A 86 17.91 -1.12 12.16
C THR A 86 16.77 -1.13 11.13
N MET A 87 16.15 0.03 10.92
CA MET A 87 15.10 0.16 9.93
C MET A 87 15.68 -0.12 8.53
N ILE A 88 16.96 0.29 8.29
CA ILE A 88 17.64 -0.01 7.03
C ILE A 88 17.72 -1.55 6.80
N GLU A 89 18.15 -2.30 7.85
N GLU A 89 18.18 -2.32 7.81
CA GLU A 89 18.26 -3.77 7.83
CA GLU A 89 18.26 -3.77 7.66
C GLU A 89 16.93 -4.44 7.47
C GLU A 89 16.90 -4.41 7.36
N ILE A 90 15.84 -3.96 8.07
CA ILE A 90 14.48 -4.49 7.86
C ILE A 90 14.06 -4.26 6.41
N CYS A 91 14.22 -3.01 5.93
CA CYS A 91 13.82 -2.67 4.56
C CYS A 91 14.64 -3.41 3.53
N GLU A 92 15.97 -3.53 3.76
CA GLU A 92 16.78 -4.23 2.76
C GLU A 92 16.48 -5.71 2.71
N LYS A 93 16.23 -6.36 3.86
CA LYS A 93 15.94 -7.81 3.91
C LYS A 93 14.60 -8.08 3.24
N LEU A 94 13.59 -7.22 3.53
CA LEU A 94 12.27 -7.33 2.92
C LEU A 94 12.40 -7.13 1.38
N GLU A 95 13.07 -6.04 0.95
CA GLU A 95 13.19 -5.74 -0.49
C GLU A 95 13.95 -6.76 -1.26
N ASP A 96 15.02 -7.35 -0.67
N ASP A 96 15.01 -7.34 -0.68
CA ASP A 96 15.83 -8.40 -1.30
CA ASP A 96 15.82 -8.38 -1.34
C ASP A 96 14.93 -9.59 -1.65
C ASP A 96 14.94 -9.60 -1.65
N CYS A 97 14.06 -9.97 -0.70
CA CYS A 97 13.11 -11.08 -0.87
C CYS A 97 12.05 -10.72 -1.92
N SER A 98 11.48 -9.52 -1.83
CA SER A 98 10.48 -9.07 -2.80
C SER A 98 11.05 -9.06 -4.22
N ARG A 99 12.29 -8.56 -4.43
CA ARG A 99 12.93 -8.52 -5.77
C ARG A 99 13.07 -9.94 -6.33
N LYS A 100 13.45 -10.91 -5.48
CA LYS A 100 13.62 -12.29 -5.89
C LYS A 100 12.29 -12.95 -6.27
N LEU A 101 11.26 -12.81 -5.41
CA LEU A 101 9.95 -13.47 -5.65
C LEU A 101 9.17 -12.86 -6.80
N ILE A 102 9.26 -11.55 -6.98
CA ILE A 102 8.59 -10.87 -8.10
C ILE A 102 9.33 -11.11 -9.44
N LYS A 103 10.61 -11.59 -9.37
CA LYS A 103 11.52 -11.76 -10.51
C LYS A 103 11.63 -10.39 -11.21
N GLU A 104 12.19 -9.42 -10.46
CA GLU A 104 12.33 -8.03 -10.89
C GLU A 104 12.96 -7.96 -12.28
N ASN A 105 12.29 -7.22 -13.18
CA ASN A 105 12.72 -7.09 -14.58
C ASN A 105 12.30 -5.72 -15.11
N GLY A 106 13.08 -4.70 -14.75
CA GLY A 106 12.82 -3.32 -15.15
C GLY A 106 11.40 -2.90 -14.81
N LEU A 107 10.73 -2.26 -15.76
CA LEU A 107 9.35 -1.81 -15.60
C LEU A 107 8.31 -2.93 -15.79
N ASN A 108 8.74 -4.15 -16.21
CA ASN A 108 7.82 -5.28 -16.42
C ASN A 108 7.40 -6.01 -15.14
N ALA A 109 8.25 -5.99 -14.09
CA ALA A 109 7.96 -6.64 -12.80
C ALA A 109 8.90 -6.05 -11.78
N GLY A 110 8.38 -5.80 -10.61
CA GLY A 110 9.25 -5.22 -9.58
C GLY A 110 8.53 -4.72 -8.37
N LEU A 111 9.20 -3.82 -7.67
CA LEU A 111 8.69 -3.20 -6.46
C LEU A 111 7.89 -1.98 -6.89
N ALA A 112 6.65 -1.91 -6.46
CA ALA A 112 5.75 -0.83 -6.91
C ALA A 112 5.98 0.50 -6.20
N PHE A 113 6.54 0.47 -4.97
CA PHE A 113 6.80 1.65 -4.17
C PHE A 113 7.71 1.30 -3.00
N PRO A 114 8.39 2.28 -2.39
CA PRO A 114 9.33 1.94 -1.31
C PRO A 114 8.66 1.28 -0.12
N THR A 115 9.43 0.53 0.68
CA THR A 115 8.93 -0.12 1.90
C THR A 115 8.71 0.91 2.98
N GLY A 116 7.44 1.17 3.31
CA GLY A 116 7.14 2.01 4.46
C GLY A 116 7.36 1.16 5.70
N CYS A 117 7.98 1.76 6.71
CA CYS A 117 8.17 1.12 8.00
C CYS A 117 7.93 2.18 9.07
N SER A 118 6.92 3.00 8.86
CA SER A 118 6.61 4.12 9.73
C SER A 118 6.37 3.71 11.18
N LEU A 119 6.94 4.48 12.09
CA LEU A 119 6.89 4.19 13.51
C LEU A 119 6.10 5.13 14.40
N ASN A 120 5.33 4.54 15.32
CA ASN A 120 4.63 5.31 16.35
C ASN A 120 3.67 6.36 15.80
N ASN A 121 3.94 7.62 16.12
CA ASN A 121 3.12 8.73 15.62
C ASN A 121 3.15 8.87 14.09
N CYS A 122 4.25 8.51 13.46
CA CYS A 122 4.32 8.57 12.00
C CYS A 122 3.46 7.44 11.46
N ALA A 123 2.52 7.79 10.60
CA ALA A 123 1.60 6.81 10.03
C ALA A 123 1.99 6.24 8.68
N ALA A 124 2.67 7.05 7.87
CA ALA A 124 3.04 6.64 6.53
C ALA A 124 4.19 7.40 5.89
N HIS A 125 4.72 6.80 4.82
CA HIS A 125 5.72 7.40 3.95
C HIS A 125 7.06 7.64 4.63
N TYR A 126 7.39 6.85 5.68
CA TYR A 126 8.73 6.83 6.23
C TYR A 126 9.40 5.56 5.75
N THR A 127 10.57 5.73 5.14
CA THR A 127 11.52 4.68 4.83
C THR A 127 12.89 5.33 5.15
N PRO A 128 13.86 4.62 5.72
CA PRO A 128 15.13 5.28 6.00
C PRO A 128 15.84 5.68 4.70
N ASN A 129 16.54 6.82 4.76
CA ASN A 129 17.49 7.26 3.74
C ASN A 129 18.85 6.72 4.23
N ALA A 130 19.89 6.77 3.39
CA ALA A 130 21.23 6.30 3.78
C ALA A 130 21.70 7.03 5.06
N GLY A 131 22.36 6.30 5.95
CA GLY A 131 22.86 6.92 7.18
C GLY A 131 21.89 6.96 8.34
N ASP A 132 20.63 6.57 8.11
CA ASP A 132 19.63 6.57 9.17
C ASP A 132 19.99 5.44 10.17
N THR A 133 20.24 5.83 11.43
CA THR A 133 20.62 4.91 12.52
C THR A 133 19.43 4.36 13.33
N THR A 134 18.20 4.74 12.98
CA THR A 134 17.00 4.29 13.69
C THR A 134 16.94 2.77 13.81
N VAL A 135 16.69 2.33 15.02
CA VAL A 135 16.53 0.93 15.42
C VAL A 135 15.09 0.73 15.90
N LEU A 136 14.47 -0.40 15.50
CA LEU A 136 13.14 -0.80 15.94
C LEU A 136 13.21 -1.14 17.45
N GLN A 137 12.29 -0.58 18.23
CA GLN A 137 12.26 -0.81 19.68
C GLN A 137 11.10 -1.72 20.07
N TYR A 138 11.21 -2.33 21.23
CA TYR A 138 10.19 -3.23 21.76
C TYR A 138 8.81 -2.54 21.86
N ASP A 139 8.77 -1.25 22.32
CA ASP A 139 7.51 -0.52 22.43
C ASP A 139 7.06 0.17 21.14
N ASP A 140 7.74 -0.06 20.01
CA ASP A 140 7.33 0.59 18.78
C ASP A 140 6.12 -0.02 18.13
N ILE A 141 5.38 0.82 17.37
CA ILE A 141 4.27 0.34 16.52
C ILE A 141 4.69 0.65 15.05
N CYS A 142 5.04 -0.40 14.32
CA CYS A 142 5.64 -0.28 12.98
C CYS A 142 4.68 -0.67 11.85
N LYS A 143 4.42 0.23 10.92
CA LYS A 143 3.53 -0.07 9.80
C LYS A 143 4.34 -0.50 8.59
N ILE A 144 4.26 -1.80 8.25
CA ILE A 144 4.99 -2.33 7.10
C ILE A 144 4.06 -2.20 5.92
N ASP A 145 4.39 -1.30 4.98
CA ASP A 145 3.52 -1.06 3.82
C ASP A 145 4.41 -1.14 2.58
N PHE A 146 4.21 -2.15 1.74
CA PHE A 146 5.07 -2.33 0.56
C PHE A 146 4.23 -2.80 -0.59
N GLY A 147 4.78 -2.70 -1.78
CA GLY A 147 4.03 -3.03 -2.98
C GLY A 147 4.82 -3.79 -4.01
N THR A 148 4.12 -4.61 -4.77
CA THR A 148 4.73 -5.41 -5.84
C THR A 148 3.91 -5.16 -7.07
N HIS A 149 4.50 -5.38 -8.24
CA HIS A 149 3.69 -5.26 -9.45
C HIS A 149 4.18 -6.19 -10.53
N ILE A 150 3.25 -6.53 -11.40
CA ILE A 150 3.51 -7.25 -12.64
C ILE A 150 2.86 -6.37 -13.70
N SER A 151 3.64 -5.91 -14.72
CA SER A 151 3.15 -5.07 -15.83
C SER A 151 2.36 -3.83 -15.30
N GLY A 152 2.83 -3.27 -14.18
CA GLY A 152 2.21 -2.13 -13.53
C GLY A 152 0.88 -2.40 -12.84
N ARG A 153 0.52 -3.69 -12.63
CA ARG A 153 -0.70 -4.12 -11.89
C ARG A 153 -0.23 -4.22 -10.46
N ILE A 154 -0.58 -3.20 -9.66
CA ILE A 154 -0.03 -3.00 -8.32
C ILE A 154 -0.82 -3.65 -7.18
N ILE A 155 -0.09 -4.32 -6.27
CA ILE A 155 -0.66 -4.79 -5.01
C ILE A 155 -0.15 -3.84 -3.96
N ASP A 156 -1.08 -3.14 -3.28
CA ASP A 156 -0.80 -2.20 -2.20
C ASP A 156 -1.40 -2.88 -0.95
N CYS A 157 -0.54 -3.37 -0.04
CA CYS A 157 -0.99 -4.16 1.11
C CYS A 157 -0.05 -3.88 2.31
N ALA A 158 -0.64 -3.67 3.48
CA ALA A 158 0.08 -3.25 4.67
C ALA A 158 -0.48 -3.86 5.94
N PHE A 159 0.39 -3.99 6.94
CA PHE A 159 0.02 -4.51 8.26
C PHE A 159 0.86 -3.81 9.33
N THR A 160 0.44 -3.94 10.58
CA THR A 160 1.15 -3.28 11.69
C THR A 160 1.83 -4.36 12.54
N VAL A 161 3.06 -4.08 12.93
CA VAL A 161 3.89 -4.97 13.72
C VAL A 161 4.07 -4.34 15.11
N THR A 162 3.88 -5.15 16.17
CA THR A 162 4.10 -4.71 17.55
C THR A 162 4.72 -5.89 18.29
N PHE A 163 5.28 -5.61 19.46
CA PHE A 163 5.92 -6.59 20.32
C PHE A 163 5.29 -6.53 21.69
N ASN A 164 4.75 -5.36 22.05
CA ASN A 164 4.13 -5.16 23.37
C ASN A 164 2.61 -5.39 23.23
N PRO A 165 2.04 -6.36 23.99
CA PRO A 165 0.57 -6.59 23.90
C PRO A 165 -0.31 -5.39 24.27
N LYS A 166 0.26 -4.32 24.88
CA LYS A 166 -0.56 -3.16 25.26
C LYS A 166 -1.27 -2.51 24.06
N TYR A 167 -0.76 -2.72 22.84
CA TYR A 167 -1.38 -2.15 21.66
C TYR A 167 -2.40 -3.08 20.98
N ASP A 168 -2.58 -4.32 21.51
CA ASP A 168 -3.47 -5.32 20.87
C ASP A 168 -4.84 -4.79 20.54
N THR A 169 -5.51 -4.05 21.46
CA THR A 169 -6.87 -3.55 21.11
C THR A 169 -6.82 -2.47 20.01
N LEU A 170 -5.79 -1.61 20.02
CA LEU A 170 -5.63 -0.59 18.97
C LEU A 170 -5.51 -1.28 17.58
N LEU A 171 -4.71 -2.34 17.48
CA LEU A 171 -4.55 -3.09 16.23
C LEU A 171 -5.86 -3.77 15.83
N LYS A 172 -6.56 -4.35 16.80
CA LYS A 172 -7.83 -5.02 16.52
C LYS A 172 -8.84 -4.00 15.96
N ALA A 173 -8.84 -2.77 16.51
CA ALA A 173 -9.76 -1.72 16.05
C ALA A 173 -9.56 -1.40 14.58
N VAL A 174 -8.30 -1.26 14.18
CA VAL A 174 -7.94 -0.88 12.83
C VAL A 174 -8.18 -2.06 11.88
N LYS A 175 -7.84 -3.29 12.32
CA LYS A 175 -8.11 -4.48 11.49
C LYS A 175 -9.59 -4.61 11.20
N ASP A 176 -10.43 -4.45 12.24
CA ASP A 176 -11.89 -4.54 12.10
C ASP A 176 -12.40 -3.44 11.16
N ALA A 177 -11.87 -2.21 11.29
CA ALA A 177 -12.30 -1.11 10.41
C ALA A 177 -11.92 -1.39 8.93
N THR A 178 -10.73 -1.97 8.69
CA THR A 178 -10.29 -2.33 7.33
C THR A 178 -11.19 -3.44 6.74
N ASN A 179 -11.45 -4.50 7.54
CA ASN A 179 -12.33 -5.58 7.10
C ASN A 179 -13.74 -5.02 6.81
N THR A 180 -14.19 -4.02 7.59
CA THR A 180 -15.50 -3.38 7.36
C THR A 180 -15.51 -2.66 6.01
N GLY A 181 -14.43 -1.95 5.70
CA GLY A 181 -14.29 -1.26 4.42
C GLY A 181 -14.32 -2.21 3.25
N ILE A 182 -13.61 -3.35 3.37
CA ILE A 182 -13.56 -4.39 2.35
C ILE A 182 -14.95 -4.96 2.12
N LYS A 183 -15.66 -5.25 3.22
CA LYS A 183 -17.03 -5.77 3.20
C LYS A 183 -18.00 -4.78 2.56
N CYS A 184 -17.88 -3.47 2.88
CA CYS A 184 -18.80 -2.45 2.38
C CYS A 184 -18.58 -2.10 0.92
N ALA A 185 -17.34 -2.22 0.42
CA ALA A 185 -16.95 -1.90 -0.96
C ALA A 185 -17.71 -2.73 -2.00
N GLY A 186 -17.94 -2.12 -3.16
CA GLY A 186 -18.63 -2.77 -4.26
C GLY A 186 -19.06 -1.79 -5.32
N ILE A 187 -19.41 -2.33 -6.49
CA ILE A 187 -19.89 -1.54 -7.62
C ILE A 187 -21.15 -0.78 -7.18
N ASP A 188 -21.22 0.54 -7.52
CA ASP A 188 -22.32 1.48 -7.25
C ASP A 188 -22.41 1.91 -5.75
N VAL A 189 -21.46 1.51 -4.90
CA VAL A 189 -21.48 1.90 -3.48
C VAL A 189 -20.94 3.34 -3.37
N ARG A 190 -21.57 4.20 -2.55
CA ARG A 190 -21.10 5.58 -2.33
C ARG A 190 -19.84 5.52 -1.49
N LEU A 191 -18.78 6.24 -1.91
CA LEU A 191 -17.50 6.28 -1.21
C LEU A 191 -17.62 6.83 0.20
N CYS A 192 -18.56 7.80 0.42
CA CYS A 192 -18.82 8.37 1.74
C CYS A 192 -19.44 7.34 2.69
N ASP A 193 -20.26 6.41 2.14
CA ASP A 193 -20.91 5.33 2.91
C ASP A 193 -19.85 4.38 3.49
N VAL A 194 -18.82 4.06 2.67
CA VAL A 194 -17.69 3.22 3.08
C VAL A 194 -16.97 3.92 4.23
N GLY A 195 -16.70 5.21 4.08
CA GLY A 195 -16.05 6.04 5.10
C GLY A 195 -16.83 6.12 6.40
N GLU A 196 -18.16 6.32 6.31
CA GLU A 196 -18.98 6.36 7.51
C GLU A 196 -18.99 5.00 8.24
N ALA A 197 -19.00 3.88 7.50
CA ALA A 197 -19.02 2.53 8.09
C ALA A 197 -17.70 2.23 8.77
N ILE A 198 -16.58 2.62 8.14
CA ILE A 198 -15.23 2.43 8.67
C ILE A 198 -15.12 3.19 9.99
N GLN A 199 -15.51 4.46 9.97
CA GLN A 199 -15.42 5.29 11.15
C GLN A 199 -16.28 4.76 12.28
N GLU A 200 -17.47 4.27 11.95
CA GLU A 200 -18.35 3.76 12.99
C GLU A 200 -17.69 2.58 13.68
N VAL A 201 -17.11 1.67 12.91
CA VAL A 201 -16.42 0.52 13.48
C VAL A 201 -15.17 0.90 14.26
N MET A 202 -14.33 1.76 13.69
CA MET A 202 -13.13 2.16 14.41
C MET A 202 -13.42 2.88 15.73
N GLU A 203 -14.35 3.84 15.71
CA GLU A 203 -14.68 4.62 16.89
C GLU A 203 -15.45 3.86 18.00
N SER A 204 -15.85 2.59 17.77
CA SER A 204 -16.54 1.78 18.77
C SER A 204 -15.51 1.18 19.77
N TYR A 205 -14.22 1.33 19.47
CA TYR A 205 -13.14 0.82 20.28
C TYR A 205 -12.55 1.86 21.20
N GLU A 206 -12.40 1.47 22.48
CA GLU A 206 -11.68 2.28 23.46
C GLU A 206 -10.46 1.47 23.88
N VAL A 207 -9.33 2.15 24.06
CA VAL A 207 -8.06 1.46 24.39
C VAL A 207 -7.37 2.10 25.61
N GLU A 208 -6.60 1.33 26.35
CA GLU A 208 -5.84 1.81 27.51
C GLU A 208 -4.38 1.47 27.24
N ILE A 209 -3.53 2.49 27.25
CA ILE A 209 -2.09 2.37 26.99
C ILE A 209 -1.38 3.20 28.06
N ASP A 210 -0.60 2.50 28.91
CA ASP A 210 0.17 3.10 30.03
C ASP A 210 -0.71 3.97 30.94
N GLY A 211 -1.88 3.42 31.30
CA GLY A 211 -2.84 4.06 32.18
C GLY A 211 -3.67 5.19 31.59
N LYS A 212 -3.47 5.52 30.30
CA LYS A 212 -4.27 6.56 29.64
C LYS A 212 -5.28 5.90 28.70
N THR A 213 -6.54 6.40 28.70
CA THR A 213 -7.59 5.85 27.85
C THR A 213 -7.83 6.72 26.63
N TYR A 214 -8.18 6.09 25.52
CA TYR A 214 -8.46 6.74 24.24
C TYR A 214 -9.58 6.05 23.49
N GLN A 215 -10.33 6.82 22.68
CA GLN A 215 -11.29 6.29 21.72
C GLN A 215 -10.50 6.29 20.42
N VAL A 216 -10.36 5.15 19.75
CA VAL A 216 -9.61 5.04 18.50
C VAL A 216 -10.20 5.98 17.45
N LYS A 217 -9.37 6.87 16.95
CA LYS A 217 -9.73 7.86 15.94
C LYS A 217 -9.22 7.49 14.55
N PRO A 218 -10.07 7.51 13.51
CA PRO A 218 -9.56 7.32 12.16
C PRO A 218 -8.78 8.59 11.78
N ILE A 219 -7.71 8.42 10.98
CA ILE A 219 -6.89 9.57 10.53
C ILE A 219 -7.66 10.18 9.38
N ARG A 220 -8.36 11.28 9.67
CA ARG A 220 -9.29 11.91 8.73
C ARG A 220 -8.68 12.36 7.42
N ASN A 221 -7.38 12.71 7.38
CA ASN A 221 -6.81 13.16 6.10
C ASN A 221 -6.01 12.05 5.40
N LEU A 222 -6.20 10.78 5.84
CA LEU A 222 -5.65 9.61 5.15
C LEU A 222 -6.85 8.85 4.64
N ASN A 223 -6.64 8.00 3.61
CA ASN A 223 -7.74 7.31 2.93
C ASN A 223 -7.26 6.20 2.03
N GLY A 224 -8.22 5.35 1.64
CA GLY A 224 -8.06 4.34 0.63
C GLY A 224 -8.15 5.01 -0.74
N HIS A 225 -7.90 4.27 -1.81
CA HIS A 225 -7.82 4.93 -3.12
C HIS A 225 -7.92 3.97 -4.26
N SER A 226 -8.32 4.47 -5.44
CA SER A 226 -8.32 3.69 -6.65
C SER A 226 -6.87 3.50 -7.12
N ILE A 227 -6.62 2.40 -7.79
CA ILE A 227 -5.32 2.03 -8.36
C ILE A 227 -5.46 1.94 -9.88
N GLY A 228 -4.48 2.51 -10.57
CA GLY A 228 -4.37 2.49 -12.03
C GLY A 228 -3.06 1.84 -12.45
N GLN A 229 -2.90 1.52 -13.75
CA GLN A 229 -1.66 0.91 -14.23
C GLN A 229 -0.47 1.87 -14.07
N TYR A 230 0.54 1.45 -13.27
CA TYR A 230 1.73 2.25 -12.89
C TYR A 230 1.31 3.51 -12.13
N ARG A 231 0.06 3.51 -11.58
CA ARG A 231 -0.52 4.66 -10.88
C ARG A 231 -1.10 4.26 -9.53
N ILE A 232 -0.30 4.41 -8.46
CA ILE A 232 -0.72 4.02 -7.10
C ILE A 232 -2.00 4.76 -6.63
N HIS A 233 -2.12 6.09 -6.91
CA HIS A 233 -3.33 6.86 -6.56
C HIS A 233 -3.97 7.28 -7.90
N ALA A 234 -5.03 6.57 -8.34
CA ALA A 234 -5.64 6.81 -9.64
C ALA A 234 -6.73 7.92 -9.70
N GLY A 235 -7.04 8.57 -8.58
CA GLY A 235 -8.00 9.68 -8.61
C GLY A 235 -9.23 9.62 -7.73
N LYS A 236 -9.64 8.42 -7.33
CA LYS A 236 -10.82 8.24 -6.46
C LYS A 236 -10.36 8.01 -5.02
N THR A 237 -11.04 8.66 -4.06
CA THR A 237 -10.72 8.63 -2.63
C THR A 237 -11.74 7.75 -1.89
N VAL A 238 -11.27 6.83 -1.03
CA VAL A 238 -12.12 5.99 -0.17
C VAL A 238 -11.92 6.56 1.26
N PRO A 239 -12.78 7.49 1.73
CA PRO A 239 -12.58 8.08 3.08
C PRO A 239 -12.69 7.08 4.23
N ILE A 240 -12.19 7.48 5.42
CA ILE A 240 -12.23 6.63 6.60
C ILE A 240 -12.95 7.36 7.77
N VAL A 241 -13.54 8.53 7.47
CA VAL A 241 -14.38 9.31 8.40
C VAL A 241 -15.63 9.70 7.63
N LYS A 242 -16.70 10.12 8.35
CA LYS A 242 -17.93 10.65 7.78
C LYS A 242 -17.65 12.05 7.21
N GLY A 243 -18.57 12.58 6.42
CA GLY A 243 -18.45 13.92 5.84
C GLY A 243 -17.82 13.95 4.46
N GLY A 244 -17.51 12.76 3.92
CA GLY A 244 -16.86 12.62 2.61
C GLY A 244 -17.75 12.92 1.41
N GLU A 245 -17.26 12.56 0.21
CA GLU A 245 -17.95 12.76 -1.07
C GLU A 245 -18.84 11.55 -1.41
N ALA A 246 -20.05 11.80 -1.96
CA ALA A 246 -21.00 10.75 -2.33
C ALA A 246 -20.74 10.08 -3.71
N THR A 247 -19.54 10.30 -4.31
CA THR A 247 -19.04 9.68 -5.55
C THR A 247 -19.10 8.12 -5.38
N ARG A 248 -19.30 7.36 -6.49
CA ARG A 248 -19.48 5.91 -6.43
C ARG A 248 -18.33 5.09 -7.07
N MET A 249 -18.15 3.82 -6.58
CA MET A 249 -17.15 2.85 -7.09
C MET A 249 -17.73 2.27 -8.39
N GLU A 250 -16.88 1.88 -9.35
CA GLU A 250 -17.33 1.38 -10.66
C GLU A 250 -16.71 0.04 -11.08
N GLU A 251 -17.39 -0.67 -12.02
CA GLU A 251 -17.01 -1.97 -12.56
C GLU A 251 -15.63 -1.94 -13.23
N GLY A 252 -14.78 -2.89 -12.84
CA GLY A 252 -13.44 -3.03 -13.39
C GLY A 252 -12.38 -2.23 -12.66
N GLU A 253 -12.77 -1.38 -11.69
CA GLU A 253 -11.81 -0.58 -10.94
C GLU A 253 -11.10 -1.43 -9.90
N VAL A 254 -9.95 -0.97 -9.46
CA VAL A 254 -9.12 -1.66 -8.45
C VAL A 254 -8.92 -0.65 -7.32
N TYR A 255 -9.07 -1.09 -6.06
CA TYR A 255 -8.92 -0.19 -4.93
C TYR A 255 -8.02 -0.74 -3.86
N ALA A 256 -7.29 0.17 -3.20
CA ALA A 256 -6.53 -0.17 -2.00
C ALA A 256 -7.51 0.25 -0.89
N ILE A 257 -7.93 -0.70 -0.07
CA ILE A 257 -8.81 -0.39 1.06
C ILE A 257 -7.91 -0.40 2.27
N GLU A 258 -7.64 0.79 2.81
CA GLU A 258 -6.75 0.98 3.95
C GLU A 258 -7.38 1.88 4.96
N THR A 259 -7.10 1.59 6.23
CA THR A 259 -7.58 2.44 7.31
C THR A 259 -6.43 2.66 8.25
N PHE A 260 -6.49 3.79 8.95
CA PHE A 260 -5.49 4.17 9.92
C PHE A 260 -6.21 4.60 11.19
N GLY A 261 -5.75 4.08 12.32
CA GLY A 261 -6.28 4.44 13.64
C GLY A 261 -5.22 5.18 14.42
N SER A 262 -5.64 6.15 15.22
CA SER A 262 -4.73 6.97 16.01
C SER A 262 -5.24 7.28 17.40
N THR A 263 -4.31 7.37 18.37
CA THR A 263 -4.58 7.80 19.75
C THR A 263 -4.35 9.32 19.86
N GLY A 264 -3.92 9.95 18.78
CA GLY A 264 -3.64 11.37 18.72
C GLY A 264 -4.81 12.20 18.23
N LYS A 265 -4.52 13.18 17.37
CA LYS A 265 -5.52 14.10 16.81
C LYS A 265 -6.39 13.45 15.74
N GLY A 266 -5.88 12.42 15.08
CA GLY A 266 -6.58 11.78 13.97
C GLY A 266 -6.40 12.61 12.70
N VAL A 267 -5.27 13.34 12.61
CA VAL A 267 -4.86 14.20 11.48
C VAL A 267 -3.36 14.06 11.38
N VAL A 268 -2.84 13.96 10.15
CA VAL A 268 -1.39 13.90 9.91
C VAL A 268 -0.94 15.16 9.20
N HIS A 269 0.35 15.47 9.38
CA HIS A 269 1.02 16.60 8.76
C HIS A 269 2.40 16.16 8.29
N ASP A 270 2.94 16.81 7.27
CA ASP A 270 4.26 16.45 6.77
C ASP A 270 5.30 16.70 7.85
N ASP A 271 6.18 15.72 8.05
CA ASP A 271 7.22 15.86 9.06
C ASP A 271 8.42 14.98 8.72
N MET A 272 9.57 15.34 9.30
CA MET A 272 10.86 14.66 9.16
C MET A 272 11.50 14.83 7.77
N GLU A 273 12.56 14.06 7.53
CA GLU A 273 13.26 14.10 6.27
C GLU A 273 12.51 13.29 5.22
N CYS A 274 12.38 13.84 4.02
CA CYS A 274 11.69 13.15 2.93
C CYS A 274 12.51 12.00 2.32
N SER A 275 11.86 10.87 2.08
CA SER A 275 12.51 9.72 1.45
C SER A 275 11.80 9.22 0.19
N HIS A 276 10.49 9.45 0.12
CA HIS A 276 9.63 9.01 -0.99
C HIS A 276 9.40 10.11 -2.02
N TYR A 277 9.44 9.75 -3.30
CA TYR A 277 9.22 10.70 -4.41
C TYR A 277 8.52 9.96 -5.52
N MET A 278 7.82 10.68 -6.38
CA MET A 278 7.14 10.01 -7.47
C MET A 278 6.86 11.00 -8.57
N LYS A 279 7.12 10.59 -9.81
CA LYS A 279 6.83 11.44 -10.98
C LYS A 279 5.35 11.79 -11.03
N ASN A 280 5.03 13.06 -11.38
CA ASN A 280 3.63 13.46 -11.52
C ASN A 280 3.13 12.82 -12.83
N PHE A 281 2.08 11.99 -12.73
CA PHE A 281 1.50 11.25 -13.85
C PHE A 281 1.00 12.13 -14.99
N ASP A 282 0.52 13.34 -14.68
CA ASP A 282 -0.07 14.29 -15.63
C ASP A 282 0.91 15.22 -16.34
N VAL A 283 2.20 15.14 -15.98
CA VAL A 283 3.24 15.96 -16.58
C VAL A 283 3.83 15.19 -17.77
N GLY A 284 3.76 15.82 -18.94
CA GLY A 284 4.26 15.28 -20.19
C GLY A 284 5.76 15.37 -20.34
N HIS A 285 6.24 15.41 -21.59
CA HIS A 285 7.67 15.51 -21.86
C HIS A 285 8.20 16.89 -21.57
N VAL A 286 9.26 16.96 -20.73
CA VAL A 286 9.89 18.23 -20.39
C VAL A 286 11.38 18.18 -20.77
N PRO A 287 11.79 18.85 -21.87
CA PRO A 287 13.23 18.85 -22.21
C PRO A 287 14.07 19.53 -21.12
N ILE A 288 15.14 18.86 -20.67
CA ILE A 288 16.05 19.39 -19.64
C ILE A 288 17.46 19.43 -20.21
N ARG A 289 18.13 20.61 -20.09
CA ARG A 289 19.51 20.82 -20.51
C ARG A 289 20.46 20.65 -19.32
N LEU A 290 20.04 21.11 -18.10
CA LEU A 290 20.84 21.02 -16.86
C LEU A 290 21.32 19.57 -16.74
N PRO A 291 22.65 19.31 -16.85
CA PRO A 291 23.11 17.91 -16.96
C PRO A 291 22.83 16.95 -15.81
N ARG A 292 23.03 17.36 -14.54
CA ARG A 292 22.73 16.46 -13.42
C ARG A 292 21.25 16.20 -13.31
N THR A 293 20.43 17.24 -13.55
CA THR A 293 18.96 17.13 -13.50
C THR A 293 18.46 16.23 -14.64
N LYS A 294 19.00 16.44 -15.84
CA LYS A 294 18.64 15.65 -17.04
C LYS A 294 18.95 14.16 -16.79
N HIS A 295 20.15 13.88 -16.29
CA HIS A 295 20.58 12.52 -15.98
C HIS A 295 19.65 11.86 -14.96
N LEU A 296 19.36 12.54 -13.85
CA LEU A 296 18.47 11.96 -12.85
C LEU A 296 17.06 11.69 -13.41
N LEU A 297 16.52 12.61 -14.22
CA LEU A 297 15.20 12.33 -14.78
C LEU A 297 15.26 11.09 -15.68
N ASN A 298 16.36 10.94 -16.47
CA ASN A 298 16.50 9.74 -17.32
C ASN A 298 16.59 8.48 -16.47
N VAL A 299 17.31 8.52 -15.34
CA VAL A 299 17.40 7.37 -14.40
C VAL A 299 15.98 7.01 -13.87
N ILE A 300 15.21 8.03 -13.51
CA ILE A 300 13.83 7.84 -12.99
C ILE A 300 12.95 7.24 -14.04
N ASN A 301 12.97 7.82 -15.27
CA ASN A 301 12.16 7.36 -16.39
C ASN A 301 12.44 5.90 -16.75
N GLU A 302 13.73 5.52 -16.75
CA GLU A 302 14.14 4.13 -17.07
C GLU A 302 13.78 3.12 -16.01
N ASN A 303 13.99 3.45 -14.73
CA ASN A 303 13.88 2.50 -13.63
C ASN A 303 12.56 2.48 -12.92
N PHE A 304 11.85 3.62 -12.90
CA PHE A 304 10.61 3.73 -12.11
C PHE A 304 9.40 4.17 -12.91
N GLY A 305 9.62 4.98 -13.93
CA GLY A 305 8.50 5.55 -14.69
C GLY A 305 7.65 6.39 -13.75
N THR A 306 6.34 6.10 -13.65
CA THR A 306 5.42 6.81 -12.73
C THR A 306 5.29 6.07 -11.37
N LEU A 307 6.11 5.03 -11.12
CA LEU A 307 6.07 4.35 -9.82
C LEU A 307 6.86 5.15 -8.81
N ALA A 308 6.44 5.11 -7.53
CA ALA A 308 7.15 5.83 -6.47
C ALA A 308 8.52 5.17 -6.24
N PHE A 309 9.48 5.98 -5.79
CA PHE A 309 10.83 5.49 -5.50
C PHE A 309 11.33 6.22 -4.26
N CYS A 310 12.49 5.81 -3.76
CA CYS A 310 13.07 6.45 -2.60
C CYS A 310 14.56 6.71 -2.86
N ARG A 311 15.19 7.52 -2.02
CA ARG A 311 16.63 7.84 -2.13
C ARG A 311 17.48 6.59 -2.03
N ARG A 312 17.13 5.61 -1.15
CA ARG A 312 17.96 4.38 -1.10
C ARG A 312 18.04 3.66 -2.45
N TRP A 313 16.95 3.70 -3.21
CA TRP A 313 16.92 3.03 -4.51
C TRP A 313 17.77 3.76 -5.53
N LEU A 314 17.89 5.11 -5.41
CA LEU A 314 18.82 5.84 -6.29
C LEU A 314 20.25 5.47 -5.91
N ASP A 315 20.53 5.34 -4.59
CA ASP A 315 21.86 4.93 -4.12
C ASP A 315 22.23 3.53 -4.68
N ARG A 316 21.28 2.59 -4.64
CA ARG A 316 21.45 1.21 -5.14
C ARG A 316 21.80 1.16 -6.64
N LEU A 317 21.28 2.15 -7.41
CA LEU A 317 21.55 2.28 -8.85
C LEU A 317 22.91 2.94 -9.13
N GLY A 318 23.64 3.27 -8.07
CA GLY A 318 24.96 3.89 -8.17
C GLY A 318 24.95 5.39 -8.36
N GLU A 319 23.79 6.04 -8.11
CA GLU A 319 23.71 7.49 -8.21
C GLU A 319 24.24 8.15 -6.95
N SER A 320 24.91 9.31 -7.08
CA SER A 320 25.38 10.06 -5.92
C SER A 320 25.32 11.56 -6.25
N LYS A 321 25.36 12.43 -5.23
CA LYS A 321 25.29 13.90 -5.37
C LYS A 321 24.10 14.26 -6.28
N TYR A 322 22.92 13.65 -6.01
CA TYR A 322 21.73 13.86 -6.84
C TYR A 322 20.67 14.69 -6.13
N LEU A 323 20.93 15.09 -4.86
CA LEU A 323 19.89 15.78 -4.08
C LEU A 323 19.47 17.11 -4.68
N MET A 324 20.42 17.90 -5.23
CA MET A 324 20.00 19.17 -5.85
C MET A 324 19.21 18.91 -7.14
N ALA A 325 19.63 17.90 -7.94
CA ALA A 325 18.95 17.48 -9.17
C ALA A 325 17.52 17.04 -8.81
N LEU A 326 17.38 16.32 -7.71
CA LEU A 326 16.06 15.84 -7.22
C LEU A 326 15.19 17.00 -6.78
N LYS A 327 15.77 17.98 -6.06
CA LYS A 327 15.05 19.20 -5.66
C LYS A 327 14.60 19.96 -6.92
N ASN A 328 15.48 20.06 -7.94
CA ASN A 328 15.14 20.75 -9.19
C ASN A 328 13.91 20.09 -9.83
N LEU A 329 13.90 18.75 -9.92
CA LEU A 329 12.75 18.04 -10.50
C LEU A 329 11.46 18.30 -9.72
N CYS A 330 11.57 18.42 -8.39
CA CYS A 330 10.42 18.75 -7.53
C CYS A 330 9.97 20.19 -7.81
N ASP A 331 10.92 21.16 -7.84
CA ASP A 331 10.62 22.58 -8.12
C ASP A 331 9.98 22.78 -9.49
N LEU A 332 10.39 21.97 -10.48
CA LEU A 332 9.83 22.02 -11.84
C LEU A 332 8.45 21.36 -11.95
N GLY A 333 8.00 20.65 -10.91
CA GLY A 333 6.69 19.98 -10.92
C GLY A 333 6.67 18.63 -11.62
N ILE A 334 7.85 18.13 -12.05
CA ILE A 334 7.99 16.83 -12.74
C ILE A 334 7.88 15.70 -11.74
N VAL A 335 8.55 15.88 -10.60
CA VAL A 335 8.54 14.92 -9.49
C VAL A 335 7.84 15.57 -8.30
N ASP A 336 7.07 14.80 -7.56
CA ASP A 336 6.47 15.28 -6.33
C ASP A 336 7.12 14.57 -5.13
N PRO A 337 7.44 15.33 -4.05
CA PRO A 337 7.94 14.67 -2.82
C PRO A 337 6.76 14.14 -1.97
N TYR A 338 6.96 13.03 -1.26
CA TYR A 338 5.91 12.47 -0.37
C TYR A 338 6.53 12.29 1.00
N PRO A 339 6.62 13.37 1.80
CA PRO A 339 7.31 13.27 3.09
C PRO A 339 6.54 12.43 4.12
N PRO A 340 7.23 11.94 5.20
CA PRO A 340 6.50 11.21 6.26
C PRO A 340 5.32 11.99 6.80
N LEU A 341 4.21 11.26 6.99
CA LEU A 341 2.93 11.82 7.48
C LEU A 341 2.73 11.41 8.93
N CYS A 342 2.80 12.39 9.86
CA CYS A 342 2.76 12.14 11.30
C CYS A 342 1.60 12.78 12.04
N ASP A 343 1.12 12.11 13.09
CA ASP A 343 0.14 12.65 14.02
C ASP A 343 1.00 13.30 15.13
N ILE A 344 0.39 13.84 16.20
CA ILE A 344 1.13 14.51 17.29
C ILE A 344 2.18 13.62 17.96
N LYS A 345 3.27 14.24 18.49
CA LYS A 345 4.31 13.52 19.24
C LYS A 345 3.64 12.78 20.43
N GLY A 346 4.05 11.55 20.68
CA GLY A 346 3.49 10.73 21.75
C GLY A 346 2.25 9.94 21.39
N SER A 347 1.73 10.09 20.16
CA SER A 347 0.55 9.34 19.71
C SER A 347 0.96 8.01 19.02
N TYR A 348 0.03 7.07 18.93
CA TYR A 348 0.26 5.77 18.31
C TYR A 348 -0.69 5.61 17.16
N THR A 349 -0.19 5.16 16.01
CA THR A 349 -0.99 4.97 14.82
C THR A 349 -0.83 3.52 14.34
N ALA A 350 -1.88 2.95 13.76
CA ALA A 350 -1.84 1.58 13.23
C ALA A 350 -2.53 1.59 11.86
N GLN A 351 -2.17 0.65 10.99
CA GLN A 351 -2.72 0.61 9.62
C GLN A 351 -2.87 -0.84 9.18
N PHE A 352 -3.93 -1.13 8.44
CA PHE A 352 -4.14 -2.43 7.77
C PHE A 352 -4.68 -2.10 6.40
N GLU A 353 -4.23 -2.84 5.37
CA GLU A 353 -4.62 -2.53 3.99
C GLU A 353 -4.63 -3.76 3.12
N HIS A 354 -5.64 -3.84 2.24
CA HIS A 354 -5.69 -4.88 1.21
C HIS A 354 -6.02 -4.22 -0.11
N THR A 355 -5.67 -4.91 -1.23
CA THR A 355 -6.02 -4.51 -2.61
C THR A 355 -7.22 -5.35 -3.04
N ILE A 356 -8.24 -4.71 -3.64
CA ILE A 356 -9.42 -5.41 -4.11
C ILE A 356 -9.64 -5.14 -5.61
N LEU A 357 -10.16 -6.16 -6.30
CA LEU A 357 -10.53 -6.08 -7.72
C LEU A 357 -12.05 -6.08 -7.80
N LEU A 358 -12.62 -5.02 -8.39
CA LEU A 358 -14.06 -4.95 -8.60
C LEU A 358 -14.37 -5.58 -9.96
N ARG A 359 -14.20 -6.92 -10.01
CA ARG A 359 -14.41 -7.71 -11.21
C ARG A 359 -15.90 -7.74 -11.60
N PRO A 360 -16.23 -7.83 -12.90
CA PRO A 360 -17.65 -7.84 -13.29
C PRO A 360 -18.50 -8.95 -12.65
N THR A 361 -17.88 -10.08 -12.24
CA THR A 361 -18.57 -11.25 -11.67
C THR A 361 -18.58 -11.28 -10.14
N CYS A 362 -17.53 -10.75 -9.49
CA CYS A 362 -17.40 -10.79 -8.04
C CYS A 362 -16.39 -9.75 -7.55
N LYS A 363 -16.29 -9.60 -6.21
CA LYS A 363 -15.28 -8.73 -5.60
C LYS A 363 -14.17 -9.66 -5.09
N GLU A 364 -12.94 -9.50 -5.61
CA GLU A 364 -11.81 -10.33 -5.20
C GLU A 364 -10.83 -9.54 -4.33
N VAL A 365 -10.64 -10.00 -3.08
CA VAL A 365 -9.66 -9.39 -2.18
C VAL A 365 -8.36 -10.08 -2.58
N VAL A 366 -7.80 -9.65 -3.72
CA VAL A 366 -6.67 -10.28 -4.39
C VAL A 366 -5.45 -10.46 -3.48
N SER A 367 -5.18 -9.51 -2.55
CA SER A 367 -4.04 -9.64 -1.66
C SER A 367 -4.28 -10.57 -0.44
N ARG A 368 -5.52 -11.06 -0.23
CA ARG A 368 -5.85 -11.97 0.86
C ARG A 368 -5.91 -13.40 0.28
N GLY A 369 -5.08 -14.29 0.83
CA GLY A 369 -5.03 -15.69 0.38
C GLY A 369 -6.30 -16.48 0.61
#